data_3BEY
#
_entry.id   3BEY
#
_cell.length_a   59.528
_cell.length_b   71.985
_cell.length_c   61.418
_cell.angle_alpha   90.00
_cell.angle_beta   99.08
_cell.angle_gamma   90.00
#
_symmetry.space_group_name_H-M   'P 1 21 1'
#
loop_
_entity.id
_entity.type
_entity.pdbx_description
1 polymer 'Conserved protein O27018'
2 water water
#
_entity_poly.entity_id   1
_entity_poly.type   'polypeptide(L)'
_entity_poly.pdbx_seq_one_letter_code
;(MSE)KTGADRFLEELPEVAESFKNFREAVRSEGKLTEREKLLISVACSVAVRCDACTRRHAEEALEAGITEGELAEAAA
VAALIRAGSA(MSE)NTASAIFRD
;
_entity_poly.pdbx_strand_id   A,B,C,D,E,F
#
# COMPACT_ATOMS: atom_id res chain seq x y z
N ARG A 7 13.14 -18.57 -12.80
CA ARG A 7 12.02 -18.02 -13.60
C ARG A 7 12.23 -16.53 -13.79
N PHE A 8 11.67 -15.74 -12.88
CA PHE A 8 11.83 -14.29 -12.95
C PHE A 8 13.30 -13.97 -12.65
N LEU A 9 13.80 -14.53 -11.55
CA LEU A 9 15.20 -14.34 -11.16
C LEU A 9 16.09 -14.72 -12.33
N GLU A 10 15.75 -15.84 -12.95
CA GLU A 10 16.49 -16.39 -14.09
C GLU A 10 16.82 -15.36 -15.16
N GLU A 11 15.91 -14.42 -15.39
CA GLU A 11 16.09 -13.37 -16.40
C GLU A 11 17.28 -12.46 -16.12
N LEU A 12 17.65 -12.35 -14.85
CA LEU A 12 18.76 -11.50 -14.46
C LEU A 12 19.68 -12.23 -13.49
N PRO A 13 20.78 -12.79 -13.98
CA PRO A 13 21.76 -13.53 -13.17
C PRO A 13 22.36 -12.75 -12.01
N GLU A 14 22.96 -11.60 -12.31
CA GLU A 14 23.59 -10.77 -11.29
C GLU A 14 22.66 -10.30 -10.17
N VAL A 15 21.57 -9.63 -10.52
CA VAL A 15 20.65 -9.13 -9.50
C VAL A 15 20.02 -10.27 -8.70
N ALA A 16 19.75 -11.40 -9.35
CA ALA A 16 19.15 -12.54 -8.68
C ALA A 16 20.12 -13.08 -7.63
N GLU A 17 21.40 -13.07 -7.97
CA GLU A 17 22.41 -13.57 -7.04
C GLU A 17 22.54 -12.59 -5.88
N SER A 18 22.61 -11.30 -6.18
CA SER A 18 22.71 -10.28 -5.13
C SER A 18 21.50 -10.41 -4.21
N PHE A 19 20.32 -10.52 -4.81
CA PHE A 19 19.10 -10.63 -4.02
C PHE A 19 19.13 -11.86 -3.11
N LYS A 20 19.61 -12.97 -3.65
CA LYS A 20 19.70 -14.21 -2.88
C LYS A 20 20.59 -13.96 -1.66
N ASN A 21 21.69 -13.24 -1.88
CA ASN A 21 22.63 -12.91 -0.81
C ASN A 21 22.01 -11.99 0.22
N PHE A 22 21.27 -10.99 -0.25
CA PHE A 22 20.60 -10.06 0.65
C PHE A 22 19.59 -10.81 1.51
N ARG A 23 18.90 -11.77 0.91
CA ARG A 23 17.91 -12.55 1.62
C ARG A 23 18.56 -13.45 2.68
N GLU A 24 19.63 -14.11 2.30
CA GLU A 24 20.33 -14.99 3.23
C GLU A 24 20.96 -14.19 4.36
N ALA A 25 21.42 -12.98 4.06
CA ALA A 25 22.04 -12.13 5.05
C ALA A 25 21.06 -11.77 6.16
N VAL A 26 19.86 -11.32 5.78
CA VAL A 26 18.90 -10.95 6.80
C VAL A 26 18.37 -12.20 7.50
N ARG A 27 18.37 -13.32 6.78
CA ARG A 27 17.88 -14.58 7.31
C ARG A 27 18.90 -15.19 8.27
N SER A 28 20.19 -15.01 7.97
CA SER A 28 21.26 -15.55 8.80
C SER A 28 21.80 -14.52 9.80
N GLU A 29 20.96 -13.55 10.17
CA GLU A 29 21.40 -12.53 11.11
C GLU A 29 21.36 -13.14 12.52
N GLY A 30 22.35 -12.81 13.34
CA GLY A 30 22.43 -13.36 14.67
C GLY A 30 21.82 -12.62 15.85
N LYS A 31 21.29 -11.42 15.63
CA LYS A 31 20.68 -10.68 16.72
C LYS A 31 19.32 -11.24 17.14
N LEU A 32 18.63 -11.87 16.20
CA LEU A 32 17.32 -12.44 16.47
C LEU A 32 17.32 -13.94 16.24
N THR A 33 16.64 -14.67 17.11
CA THR A 33 16.55 -16.13 17.00
C THR A 33 15.81 -16.51 15.71
N GLU A 34 15.86 -17.79 15.36
CA GLU A 34 15.19 -18.31 14.17
C GLU A 34 13.67 -18.15 14.32
N ARG A 35 13.17 -18.49 15.51
CA ARG A 35 11.76 -18.41 15.82
C ARG A 35 11.17 -17.00 15.68
N GLU A 36 11.93 -16.00 16.09
CA GLU A 36 11.44 -14.63 15.99
C GLU A 36 11.44 -14.12 14.55
N LYS A 37 12.44 -14.51 13.78
CA LYS A 37 12.55 -14.08 12.38
C LYS A 37 11.47 -14.72 11.49
N LEU A 38 11.15 -15.98 11.75
CA LEU A 38 10.14 -16.70 11.00
C LEU A 38 8.77 -16.11 11.36
N LEU A 39 8.58 -15.83 12.63
CA LEU A 39 7.34 -15.28 13.14
C LEU A 39 7.10 -13.86 12.59
N ILE A 40 8.19 -13.14 12.37
CA ILE A 40 8.14 -11.78 11.85
C ILE A 40 7.83 -11.80 10.37
N SER A 41 8.39 -12.78 9.66
CA SER A 41 8.19 -12.96 8.22
C SER A 41 6.73 -13.21 7.89
N VAL A 42 6.07 -13.97 8.74
CA VAL A 42 4.66 -14.25 8.55
C VAL A 42 3.86 -12.97 8.78
N ALA A 43 4.13 -12.29 9.89
CA ALA A 43 3.41 -11.06 10.20
C ALA A 43 3.54 -10.00 9.09
N CYS A 44 4.76 -9.76 8.61
CA CYS A 44 4.98 -8.79 7.55
C CYS A 44 4.28 -9.19 6.25
N SER A 45 4.29 -10.49 5.97
CA SER A 45 3.65 -11.03 4.78
C SER A 45 2.17 -10.71 4.83
N VAL A 46 1.58 -10.91 6.00
CA VAL A 46 0.17 -10.64 6.20
C VAL A 46 -0.10 -9.15 6.17
N ALA A 47 0.79 -8.38 6.79
CA ALA A 47 0.65 -6.94 6.85
C ALA A 47 0.70 -6.27 5.48
N VAL A 48 1.46 -6.84 4.56
CA VAL A 48 1.57 -6.27 3.22
C VAL A 48 0.63 -6.99 2.23
N ARG A 49 -0.19 -7.89 2.75
CA ARG A 49 -1.17 -8.64 1.97
C ARG A 49 -0.65 -9.42 0.76
N CYS A 50 0.42 -10.19 0.94
CA CYS A 50 0.95 -11.00 -0.14
C CYS A 50 0.69 -12.46 0.25
N ASP A 51 -0.32 -13.07 -0.38
CA ASP A 51 -0.71 -14.45 -0.12
C ASP A 51 0.40 -15.47 -0.38
N ALA A 52 1.15 -15.28 -1.47
CA ALA A 52 2.23 -16.19 -1.81
C ALA A 52 3.33 -16.15 -0.75
N CYS A 53 3.62 -14.94 -0.26
CA CYS A 53 4.65 -14.76 0.75
C CYS A 53 4.22 -15.37 2.08
N THR A 54 2.97 -15.11 2.46
CA THR A 54 2.41 -15.60 3.70
C THR A 54 2.41 -17.12 3.77
N ARG A 55 2.03 -17.76 2.67
CA ARG A 55 1.95 -19.21 2.55
C ARG A 55 3.33 -19.85 2.76
N ARG A 56 4.30 -19.38 1.99
CA ARG A 56 5.67 -19.88 2.06
C ARG A 56 6.29 -19.71 3.45
N HIS A 57 6.19 -18.52 4.01
CA HIS A 57 6.78 -18.29 5.33
C HIS A 57 6.04 -19.00 6.46
N ALA A 58 4.74 -19.20 6.28
CA ALA A 58 3.96 -19.89 7.30
C ALA A 58 4.39 -21.37 7.38
N GLU A 59 4.51 -22.00 6.23
CA GLU A 59 4.92 -23.40 6.21
C GLU A 59 6.38 -23.53 6.61
N GLU A 60 7.18 -22.50 6.37
CA GLU A 60 8.58 -22.54 6.79
C GLU A 60 8.60 -22.52 8.31
N ALA A 61 7.65 -21.80 8.90
CA ALA A 61 7.56 -21.68 10.35
C ALA A 61 6.91 -22.91 10.99
N LEU A 62 5.93 -23.49 10.31
CA LEU A 62 5.25 -24.68 10.82
C LEU A 62 6.20 -25.87 10.90
N GLU A 63 7.10 -25.95 9.92
CA GLU A 63 8.06 -27.04 9.87
C GLU A 63 9.27 -26.74 10.76
N ALA A 64 9.14 -25.74 11.62
CA ALA A 64 10.20 -25.37 12.53
C ALA A 64 9.64 -25.37 13.95
N GLY A 65 8.52 -26.05 14.14
CA GLY A 65 7.91 -26.12 15.47
C GLY A 65 6.82 -25.10 15.78
N ILE A 66 6.86 -23.92 15.15
CA ILE A 66 5.87 -22.88 15.41
C ILE A 66 4.45 -23.38 15.16
N THR A 67 3.55 -23.13 16.09
CA THR A 67 2.17 -23.58 15.98
C THR A 67 1.19 -22.62 15.28
N GLU A 68 0.15 -23.17 14.68
CA GLU A 68 -0.88 -22.39 14.00
C GLU A 68 -1.39 -21.24 14.85
N GLY A 69 -1.68 -21.54 16.12
CA GLY A 69 -2.17 -20.53 17.04
C GLY A 69 -1.17 -19.39 17.20
N GLU A 70 0.12 -19.71 17.18
CA GLU A 70 1.14 -18.69 17.32
C GLU A 70 1.19 -17.82 16.05
N LEU A 71 0.93 -18.42 14.89
CA LEU A 71 0.92 -17.65 13.65
C LEU A 71 -0.32 -16.75 13.60
N ALA A 72 -1.41 -17.21 14.21
CA ALA A 72 -2.64 -16.43 14.22
C ALA A 72 -2.42 -15.18 15.06
N GLU A 73 -1.66 -15.31 16.14
CA GLU A 73 -1.37 -14.16 16.99
C GLU A 73 -0.47 -13.19 16.24
N ALA A 74 0.47 -13.73 15.47
CA ALA A 74 1.37 -12.91 14.68
C ALA A 74 0.50 -12.17 13.67
N ALA A 75 -0.44 -12.89 13.07
CA ALA A 75 -1.35 -12.30 12.09
C ALA A 75 -2.17 -11.19 12.77
N ALA A 76 -2.65 -11.47 13.98
CA ALA A 76 -3.44 -10.51 14.75
C ALA A 76 -2.74 -9.17 14.90
N VAL A 77 -1.46 -9.21 15.24
CA VAL A 77 -0.67 -7.98 15.41
C VAL A 77 -0.63 -7.21 14.10
N ALA A 78 -0.42 -7.93 13.01
CA ALA A 78 -0.37 -7.28 11.70
C ALA A 78 -1.69 -6.55 11.42
N ALA A 79 -2.79 -7.18 11.82
CA ALA A 79 -4.12 -6.63 11.63
C ALA A 79 -4.33 -5.40 12.50
N LEU A 80 -3.72 -5.44 13.68
CA LEU A 80 -3.82 -4.34 14.62
C LEU A 80 -3.07 -3.13 14.06
N ILE A 81 -1.92 -3.40 13.45
CA ILE A 81 -1.10 -2.35 12.88
C ILE A 81 -1.76 -1.75 11.64
N ARG A 82 -2.45 -2.57 10.84
CA ARG A 82 -3.13 -2.05 9.66
C ARG A 82 -4.25 -1.11 10.12
N ALA A 83 -4.92 -1.46 11.21
CA ALA A 83 -5.99 -0.62 11.73
C ALA A 83 -5.40 0.60 12.46
N GLY A 84 -4.32 0.36 13.20
CA GLY A 84 -3.66 1.44 13.93
C GLY A 84 -3.11 2.50 12.99
N SER A 85 -2.45 2.06 11.93
CA SER A 85 -1.91 3.00 10.96
C SER A 85 -3.00 3.89 10.36
N ALA A 86 -4.18 3.32 10.10
CA ALA A 86 -5.28 4.11 9.55
C ALA A 86 -5.80 5.08 10.60
N ASN A 88 -4.09 6.63 12.77
CA ASN A 88 -3.17 7.77 12.75
C ASN A 88 -3.52 8.77 11.65
N THR A 89 -3.84 8.24 10.47
CA THR A 89 -4.22 9.06 9.33
C THR A 89 -5.55 9.78 9.63
N ALA A 90 -6.43 9.05 10.32
CA ALA A 90 -7.75 9.54 10.68
C ALA A 90 -7.73 10.80 11.54
N SER A 91 -6.64 11.06 12.23
CA SER A 91 -6.58 12.27 13.06
C SER A 91 -6.54 13.51 12.15
N ALA A 92 -6.22 13.32 10.87
CA ALA A 92 -6.16 14.40 9.91
C ALA A 92 -7.54 14.91 9.47
N ILE A 93 -8.61 14.35 10.03
CA ILE A 93 -9.94 14.83 9.67
C ILE A 93 -10.23 16.10 10.45
N PHE A 94 -9.41 16.37 11.46
CA PHE A 94 -9.57 17.57 12.28
C PHE A 94 -8.73 18.71 11.73
N ARG A 95 -9.17 19.94 12.02
CA ARG A 95 -8.49 21.14 11.55
C ARG A 95 -7.12 21.45 12.18
N ASP B 6 7.24 23.19 -8.67
CA ASP B 6 6.09 23.82 -9.40
C ASP B 6 4.76 23.47 -8.78
N ARG B 7 3.98 22.64 -9.46
CA ARG B 7 2.66 22.24 -8.96
C ARG B 7 2.49 20.73 -9.09
N PHE B 8 1.46 20.21 -8.45
CA PHE B 8 1.18 18.77 -8.53
C PHE B 8 0.86 18.49 -9.98
N LEU B 9 0.17 19.43 -10.61
CA LEU B 9 -0.25 19.33 -12.00
C LEU B 9 0.42 20.41 -12.86
N GLU B 10 1.75 20.42 -12.87
CA GLU B 10 2.48 21.41 -13.64
C GLU B 10 3.34 20.74 -14.70
N GLU B 11 3.92 21.53 -15.60
CA GLU B 11 4.76 21.00 -16.67
C GLU B 11 3.99 20.20 -17.72
N LEU B 12 2.86 19.63 -17.34
CA LEU B 12 2.04 18.82 -18.25
C LEU B 12 0.62 19.37 -18.34
N PRO B 13 0.38 20.29 -19.29
CA PRO B 13 -0.93 20.90 -19.50
C PRO B 13 -2.10 19.95 -19.78
N GLU B 14 -1.95 19.10 -20.79
CA GLU B 14 -3.02 18.18 -21.16
C GLU B 14 -3.35 17.11 -20.13
N VAL B 15 -2.34 16.46 -19.54
CA VAL B 15 -2.64 15.43 -18.54
C VAL B 15 -3.30 16.06 -17.33
N ALA B 16 -2.92 17.30 -17.02
CA ALA B 16 -3.49 18.00 -15.89
C ALA B 16 -4.96 18.32 -16.21
N GLU B 17 -5.23 18.86 -17.40
CA GLU B 17 -6.60 19.19 -17.80
C GLU B 17 -7.48 17.94 -17.74
N SER B 18 -7.01 16.85 -18.32
CA SER B 18 -7.80 15.62 -18.32
C SER B 18 -8.01 15.06 -16.92
N PHE B 19 -7.01 15.14 -16.06
CA PHE B 19 -7.19 14.63 -14.71
C PHE B 19 -8.29 15.41 -14.00
N LYS B 20 -8.29 16.72 -14.18
CA LYS B 20 -9.30 17.59 -13.57
C LYS B 20 -10.70 17.22 -14.06
N ASN B 21 -10.82 16.94 -15.36
CA ASN B 21 -12.12 16.57 -15.91
C ASN B 21 -12.51 15.20 -15.40
N PHE B 22 -11.53 14.34 -15.19
CA PHE B 22 -11.82 13.03 -14.66
C PHE B 22 -12.33 13.22 -13.22
N ARG B 23 -11.68 14.12 -12.49
CA ARG B 23 -12.06 14.41 -11.11
C ARG B 23 -13.46 14.98 -11.09
N GLU B 24 -13.70 15.92 -12.00
CA GLU B 24 -15.00 16.56 -12.12
C GLU B 24 -16.09 15.56 -12.44
N ALA B 25 -15.81 14.65 -13.37
CA ALA B 25 -16.78 13.64 -13.77
C ALA B 25 -17.19 12.76 -12.60
N VAL B 26 -16.22 12.23 -11.85
CA VAL B 26 -16.55 11.39 -10.72
C VAL B 26 -17.22 12.20 -9.61
N ARG B 27 -16.80 13.46 -9.46
CA ARG B 27 -17.36 14.32 -8.42
C ARG B 27 -18.78 14.81 -8.66
N SER B 28 -19.18 14.87 -9.93
CA SER B 28 -20.52 15.31 -10.27
C SER B 28 -21.41 14.15 -10.75
N GLU B 29 -20.87 12.93 -10.72
CA GLU B 29 -21.61 11.73 -11.12
C GLU B 29 -22.85 11.71 -10.20
N GLY B 30 -24.04 11.70 -10.78
CA GLY B 30 -25.28 11.77 -9.99
C GLY B 30 -25.96 10.52 -9.49
N LYS B 31 -25.27 9.40 -9.51
CA LYS B 31 -25.86 8.15 -9.03
C LYS B 31 -25.76 8.13 -7.51
N LEU B 32 -24.93 9.00 -6.95
CA LEU B 32 -24.78 9.10 -5.49
C LEU B 32 -24.96 10.57 -5.08
N THR B 33 -25.40 10.81 -3.85
CA THR B 33 -25.58 12.19 -3.37
C THR B 33 -24.22 12.78 -3.05
N GLU B 34 -24.14 14.10 -2.98
CA GLU B 34 -22.88 14.76 -2.68
C GLU B 34 -22.34 14.36 -1.30
N ARG B 35 -23.23 14.29 -0.32
CA ARG B 35 -22.84 13.92 1.04
C ARG B 35 -22.14 12.56 1.06
N GLU B 36 -22.69 11.59 0.32
CA GLU B 36 -22.11 10.26 0.26
C GLU B 36 -20.74 10.27 -0.43
N LYS B 37 -20.62 11.05 -1.50
CA LYS B 37 -19.36 11.15 -2.23
C LYS B 37 -18.28 11.83 -1.38
N LEU B 38 -18.69 12.77 -0.54
CA LEU B 38 -17.76 13.46 0.36
C LEU B 38 -17.32 12.47 1.44
N LEU B 39 -18.26 11.67 1.95
CA LEU B 39 -17.92 10.70 2.97
C LEU B 39 -17.03 9.59 2.41
N ILE B 40 -17.30 9.21 1.17
CA ILE B 40 -16.50 8.17 0.54
C ILE B 40 -15.08 8.66 0.31
N SER B 41 -14.96 9.93 -0.07
CA SER B 41 -13.65 10.54 -0.33
C SER B 41 -12.77 10.50 0.89
N VAL B 42 -13.32 10.91 2.02
CA VAL B 42 -12.59 10.94 3.27
C VAL B 42 -12.21 9.54 3.72
N ALA B 43 -13.19 8.63 3.67
CA ALA B 43 -12.96 7.23 4.05
C ALA B 43 -11.83 6.63 3.20
N CYS B 44 -11.88 6.86 1.90
CA CYS B 44 -10.87 6.33 1.00
C CYS B 44 -9.49 6.93 1.26
N SER B 45 -9.45 8.22 1.56
CA SER B 45 -8.19 8.88 1.87
C SER B 45 -7.58 8.23 3.10
N VAL B 46 -8.39 7.90 4.10
CA VAL B 46 -7.89 7.27 5.31
C VAL B 46 -7.35 5.88 4.98
N ALA B 47 -8.17 5.04 4.35
CA ALA B 47 -7.78 3.69 3.96
C ALA B 47 -6.43 3.62 3.24
N VAL B 48 -6.24 4.55 2.31
CA VAL B 48 -5.00 4.64 1.53
C VAL B 48 -3.88 5.31 2.35
N ARG B 49 -4.25 5.86 3.50
CA ARG B 49 -3.27 6.51 4.37
C ARG B 49 -2.59 7.77 3.83
N CYS B 50 -3.34 8.60 3.08
CA CYS B 50 -2.73 9.84 2.61
C CYS B 50 -3.27 10.94 3.54
N ASP B 51 -2.37 11.55 4.32
CA ASP B 51 -2.75 12.60 5.28
C ASP B 51 -3.27 13.88 4.67
N ALA B 52 -2.58 14.39 3.66
CA ALA B 52 -2.99 15.62 3.01
C ALA B 52 -4.32 15.40 2.29
N CYS B 53 -4.50 14.22 1.72
CA CYS B 53 -5.75 13.94 1.03
C CYS B 53 -6.88 13.95 2.05
N THR B 54 -6.70 13.20 3.13
CA THR B 54 -7.69 13.14 4.19
C THR B 54 -8.07 14.53 4.70
N ARG B 55 -7.07 15.33 5.00
CA ARG B 55 -7.31 16.67 5.52
C ARG B 55 -8.09 17.54 4.53
N ARG B 56 -7.69 17.50 3.25
CA ARG B 56 -8.37 18.30 2.23
C ARG B 56 -9.81 17.84 2.01
N HIS B 57 -10.00 16.53 1.86
CA HIS B 57 -11.35 16.06 1.65
C HIS B 57 -12.20 16.27 2.89
N ALA B 58 -11.57 16.23 4.07
CA ALA B 58 -12.28 16.43 5.33
C ALA B 58 -12.75 17.87 5.44
N GLU B 59 -11.93 18.81 4.99
CA GLU B 59 -12.31 20.22 5.06
C GLU B 59 -13.49 20.45 4.14
N GLU B 60 -13.44 19.88 2.94
CA GLU B 60 -14.52 20.05 1.98
C GLU B 60 -15.84 19.52 2.54
N ALA B 61 -15.80 18.38 3.24
CA ALA B 61 -16.99 17.80 3.82
C ALA B 61 -17.51 18.68 4.94
N LEU B 62 -16.62 19.13 5.82
CA LEU B 62 -16.99 20.01 6.91
C LEU B 62 -17.68 21.26 6.36
N GLU B 63 -17.10 21.85 5.31
CA GLU B 63 -17.69 23.03 4.69
C GLU B 63 -19.10 22.74 4.16
N ALA B 64 -19.37 21.48 3.85
CA ALA B 64 -20.68 21.10 3.33
C ALA B 64 -21.63 20.63 4.43
N GLY B 65 -21.26 20.88 5.68
CA GLY B 65 -22.11 20.49 6.79
C GLY B 65 -21.92 19.12 7.42
N ILE B 66 -21.02 18.31 6.88
CA ILE B 66 -20.82 17.00 7.48
C ILE B 66 -20.06 17.17 8.77
N THR B 67 -20.41 16.37 9.77
CA THR B 67 -19.76 16.47 11.07
C THR B 67 -18.54 15.60 11.20
N GLU B 68 -17.64 16.01 12.07
CA GLU B 68 -16.41 15.28 12.30
C GLU B 68 -16.71 13.93 12.93
N GLY B 69 -17.90 13.81 13.53
CA GLY B 69 -18.30 12.54 14.10
C GLY B 69 -18.66 11.59 12.97
N GLU B 70 -19.41 12.11 11.98
CA GLU B 70 -19.78 11.31 10.82
C GLU B 70 -18.50 10.94 10.08
N LEU B 71 -17.62 11.92 9.93
CA LEU B 71 -16.34 11.69 9.26
C LEU B 71 -15.53 10.66 10.04
N ALA B 72 -15.61 10.69 11.37
CA ALA B 72 -14.89 9.73 12.20
C ALA B 72 -15.39 8.29 11.95
N GLU B 73 -16.70 8.13 11.81
CA GLU B 73 -17.28 6.81 11.56
C GLU B 73 -16.86 6.28 10.20
N ALA B 74 -16.74 7.16 9.20
CA ALA B 74 -16.33 6.76 7.86
C ALA B 74 -14.89 6.25 7.90
N ALA B 75 -14.04 6.95 8.63
CA ALA B 75 -12.63 6.57 8.78
C ALA B 75 -12.55 5.26 9.58
N ALA B 76 -13.50 5.07 10.50
CA ALA B 76 -13.55 3.87 11.31
C ALA B 76 -13.87 2.66 10.41
N VAL B 77 -14.71 2.87 9.40
CA VAL B 77 -15.02 1.77 8.49
C VAL B 77 -13.76 1.39 7.71
N ALA B 78 -12.97 2.39 7.33
CA ALA B 78 -11.74 2.13 6.60
C ALA B 78 -10.74 1.41 7.51
N ALA B 79 -10.74 1.73 8.80
CA ALA B 79 -9.82 1.04 9.71
C ALA B 79 -10.17 -0.44 9.75
N LEU B 80 -11.47 -0.74 9.77
CA LEU B 80 -11.97 -2.10 9.82
C LEU B 80 -11.67 -2.88 8.54
N ILE B 81 -11.69 -2.20 7.40
CA ILE B 81 -11.41 -2.83 6.12
C ILE B 81 -9.97 -3.26 6.06
N ARG B 82 -9.08 -2.39 6.54
CA ARG B 82 -7.65 -2.70 6.51
C ARG B 82 -7.31 -3.90 7.40
N ALA B 83 -7.96 -4.00 8.56
CA ALA B 83 -7.70 -5.13 9.45
C ALA B 83 -8.35 -6.39 8.88
N GLY B 84 -9.50 -6.23 8.23
CA GLY B 84 -10.18 -7.37 7.64
C GLY B 84 -9.40 -7.93 6.47
N SER B 85 -8.90 -7.05 5.60
CA SER B 85 -8.13 -7.47 4.45
C SER B 85 -6.85 -8.23 4.85
N ALA B 86 -6.22 -7.80 5.95
CA ALA B 86 -5.02 -8.48 6.40
C ALA B 86 -5.40 -9.90 6.84
N ASN B 88 -7.89 -11.62 5.55
CA ASN B 88 -8.25 -12.39 4.36
C ASN B 88 -7.00 -13.11 3.87
N THR B 89 -5.88 -12.39 3.86
CA THR B 89 -4.61 -12.96 3.42
C THR B 89 -4.06 -13.87 4.52
N ALA B 90 -4.53 -13.67 5.75
CA ALA B 90 -4.08 -14.48 6.88
C ALA B 90 -4.56 -15.93 6.70
N SER B 91 -5.69 -16.09 6.03
CA SER B 91 -6.25 -17.42 5.80
C SER B 91 -5.91 -17.89 4.38
N ALA B 92 -4.70 -17.56 3.94
CA ALA B 92 -4.25 -17.96 2.62
C ALA B 92 -3.39 -19.20 2.77
N ILE B 93 -2.88 -19.40 3.98
CA ILE B 93 -2.04 -20.54 4.28
C ILE B 93 -2.91 -21.79 4.45
N PHE B 94 -4.16 -21.58 4.84
CA PHE B 94 -5.10 -22.69 5.03
C PHE B 94 -5.87 -22.94 3.76
N GLY C 4 -5.77 15.04 16.81
CA GLY C 4 -5.68 14.27 18.09
C GLY C 4 -5.77 12.78 17.86
N ALA C 5 -4.65 12.08 17.99
CA ALA C 5 -4.60 10.64 17.80
C ALA C 5 -5.71 9.92 18.55
N ASP C 6 -6.12 10.51 19.67
CA ASP C 6 -7.18 9.94 20.50
C ASP C 6 -8.44 10.80 20.42
N ARG C 7 -8.31 12.00 19.86
CA ARG C 7 -9.46 12.88 19.71
C ARG C 7 -10.43 12.16 18.77
N PHE C 8 -9.85 11.39 17.86
CA PHE C 8 -10.62 10.61 16.90
C PHE C 8 -11.45 9.58 17.67
N LEU C 9 -10.90 9.13 18.79
CA LEU C 9 -11.57 8.15 19.64
C LEU C 9 -12.73 8.73 20.44
N GLU C 10 -12.58 9.95 20.94
CA GLU C 10 -13.64 10.60 21.70
C GLU C 10 -14.93 10.70 20.90
N GLU C 11 -14.78 10.98 19.60
CA GLU C 11 -15.93 11.12 18.71
C GLU C 11 -16.81 9.88 18.65
N LEU C 12 -16.19 8.71 18.62
CA LEU C 12 -16.94 7.46 18.56
C LEU C 12 -16.68 6.64 19.82
N PRO C 13 -17.39 6.95 20.91
CA PRO C 13 -17.25 6.27 22.20
C PRO C 13 -17.29 4.75 22.17
N GLU C 14 -18.37 4.19 21.64
CA GLU C 14 -18.50 2.74 21.59
C GLU C 14 -17.46 2.02 20.72
N VAL C 15 -17.15 2.56 19.53
CA VAL C 15 -16.17 1.89 18.69
C VAL C 15 -14.79 2.06 19.30
N ALA C 16 -14.56 3.18 19.98
CA ALA C 16 -13.28 3.45 20.61
C ALA C 16 -12.95 2.43 21.69
N GLU C 17 -13.90 2.18 22.60
CA GLU C 17 -13.66 1.23 23.67
C GLU C 17 -13.54 -0.20 23.15
N SER C 18 -14.31 -0.53 22.10
CA SER C 18 -14.25 -1.87 21.54
C SER C 18 -12.90 -2.02 20.83
N PHE C 19 -12.31 -0.92 20.37
CA PHE C 19 -11.03 -1.01 19.71
C PHE C 19 -9.94 -1.25 20.74
N LYS C 20 -10.14 -0.70 21.94
CA LYS C 20 -9.21 -0.84 23.06
C LYS C 20 -9.15 -2.30 23.51
N ASN C 21 -10.31 -2.93 23.59
CA ASN C 21 -10.40 -4.33 24.00
C ASN C 21 -9.66 -5.22 23.01
N PHE C 22 -9.82 -4.90 21.72
CA PHE C 22 -9.17 -5.66 20.68
C PHE C 22 -7.67 -5.46 20.78
N ARG C 23 -7.24 -4.22 20.90
CA ARG C 23 -5.82 -3.91 21.03
C ARG C 23 -5.26 -4.61 22.25
N GLU C 24 -5.95 -4.46 23.38
CA GLU C 24 -5.50 -5.07 24.61
C GLU C 24 -5.39 -6.58 24.50
N ALA C 25 -6.44 -7.24 24.00
CA ALA C 25 -6.44 -8.69 23.84
C ALA C 25 -5.25 -9.19 23.02
N VAL C 26 -5.01 -8.54 21.88
CA VAL C 26 -3.90 -8.95 21.04
C VAL C 26 -2.59 -8.62 21.74
N ARG C 27 -2.57 -7.54 22.50
CA ARG C 27 -1.35 -7.14 23.22
C ARG C 27 -1.04 -8.08 24.39
N SER C 28 -2.07 -8.66 24.99
CA SER C 28 -1.91 -9.55 26.13
C SER C 28 -1.93 -11.04 25.79
N GLU C 29 -2.23 -11.39 24.54
CA GLU C 29 -2.27 -12.79 24.14
C GLU C 29 -1.01 -13.50 24.62
N GLY C 30 -1.17 -14.64 25.28
CA GLY C 30 -0.04 -15.37 25.83
C GLY C 30 0.80 -16.32 24.99
N LYS C 31 0.41 -16.60 23.75
CA LYS C 31 1.19 -17.52 22.92
C LYS C 31 2.54 -16.98 22.48
N LEU C 32 2.73 -15.68 22.59
CA LEU C 32 4.01 -15.06 22.21
C LEU C 32 4.59 -14.31 23.39
N THR C 33 5.91 -14.19 23.42
CA THR C 33 6.57 -13.44 24.50
C THR C 33 6.30 -11.97 24.23
N GLU C 34 6.44 -11.13 25.24
CA GLU C 34 6.18 -9.70 25.03
C GLU C 34 7.19 -9.20 23.99
N ARG C 35 8.42 -9.67 24.12
CA ARG C 35 9.50 -9.29 23.22
C ARG C 35 9.17 -9.55 21.76
N GLU C 36 8.69 -10.75 21.46
CA GLU C 36 8.34 -11.12 20.10
C GLU C 36 7.21 -10.26 19.57
N LYS C 37 6.22 -9.97 20.42
CA LYS C 37 5.10 -9.15 20.00
C LYS C 37 5.51 -7.72 19.72
N LEU C 38 6.52 -7.27 20.45
CA LEU C 38 7.05 -5.91 20.31
C LEU C 38 7.89 -5.84 19.03
N LEU C 39 8.64 -6.91 18.75
CA LEU C 39 9.45 -6.98 17.54
C LEU C 39 8.53 -7.01 16.32
N ILE C 40 7.43 -7.77 16.43
CA ILE C 40 6.50 -7.86 15.33
C ILE C 40 5.82 -6.52 15.09
N SER C 41 5.44 -5.83 16.17
CA SER C 41 4.80 -4.54 16.03
C SER C 41 5.66 -3.55 15.25
N VAL C 42 6.95 -3.52 15.57
CA VAL C 42 7.86 -2.61 14.88
C VAL C 42 8.02 -3.03 13.43
N ALA C 43 8.28 -4.31 13.21
CA ALA C 43 8.47 -4.81 11.85
C ALA C 43 7.23 -4.53 10.98
N CYS C 44 6.04 -4.75 11.51
CA CYS C 44 4.84 -4.52 10.74
C CYS C 44 4.61 -3.04 10.45
N SER C 45 5.01 -2.18 11.39
CA SER C 45 4.85 -0.73 11.20
C SER C 45 5.74 -0.25 10.05
N VAL C 46 6.87 -0.94 9.87
CA VAL C 46 7.82 -0.61 8.81
C VAL C 46 7.29 -1.16 7.48
N ALA C 47 6.71 -2.35 7.53
CA ALA C 47 6.15 -2.98 6.33
C ALA C 47 5.02 -2.13 5.76
N VAL C 48 4.14 -1.67 6.66
CA VAL C 48 3.00 -0.85 6.31
C VAL C 48 3.40 0.60 6.10
N ARG C 49 4.66 0.89 6.40
CA ARG C 49 5.19 2.23 6.20
C ARG C 49 4.48 3.34 6.97
N CYS C 50 4.27 3.13 8.26
CA CYS C 50 3.64 4.15 9.10
C CYS C 50 4.72 4.65 10.05
N ASP C 51 5.21 5.84 9.75
CA ASP C 51 6.27 6.49 10.54
C ASP C 51 5.93 6.68 12.01
N ALA C 52 4.74 7.21 12.29
CA ALA C 52 4.31 7.45 13.66
C ALA C 52 4.21 6.17 14.47
N CYS C 53 3.61 5.14 13.86
CA CYS C 53 3.46 3.85 14.52
C CYS C 53 4.83 3.25 14.83
N THR C 54 5.74 3.35 13.87
CA THR C 54 7.08 2.81 14.04
C THR C 54 7.80 3.45 15.22
N ARG C 55 7.76 4.77 15.31
CA ARG C 55 8.41 5.47 16.42
C ARG C 55 7.87 4.98 17.75
N ARG C 56 6.54 5.00 17.89
CA ARG C 56 5.87 4.59 19.10
C ARG C 56 6.23 3.18 19.54
N HIS C 57 6.05 2.22 18.64
CA HIS C 57 6.36 0.82 18.96
C HIS C 57 7.84 0.61 19.24
N ALA C 58 8.69 1.34 18.53
CA ALA C 58 10.12 1.21 18.73
C ALA C 58 10.53 1.76 20.09
N GLU C 59 9.92 2.87 20.48
CA GLU C 59 10.23 3.48 21.76
C GLU C 59 9.83 2.52 22.87
N GLU C 60 8.72 1.83 22.69
CA GLU C 60 8.29 0.87 23.69
C GLU C 60 9.27 -0.30 23.70
N ALA C 61 9.68 -0.74 22.51
CA ALA C 61 10.62 -1.85 22.39
C ALA C 61 11.92 -1.55 23.13
N LEU C 62 12.36 -0.30 23.06
CA LEU C 62 13.57 0.13 23.75
C LEU C 62 13.35 0.07 25.26
N GLU C 63 12.25 0.68 25.72
CA GLU C 63 11.89 0.70 27.13
C GLU C 63 11.80 -0.71 27.74
N ALA C 64 11.76 -1.73 26.89
CA ALA C 64 11.64 -3.11 27.37
C ALA C 64 12.94 -3.90 27.29
N GLY C 65 14.00 -3.29 26.78
CA GLY C 65 15.27 -4.01 26.71
C GLY C 65 15.73 -4.46 25.34
N ILE C 66 14.90 -4.26 24.32
CA ILE C 66 15.28 -4.66 22.97
C ILE C 66 16.24 -3.60 22.42
N THR C 67 17.33 -4.03 21.82
CA THR C 67 18.31 -3.10 21.28
C THR C 67 17.84 -2.58 19.92
N GLU C 68 18.48 -1.51 19.45
CA GLU C 68 18.10 -0.96 18.16
C GLU C 68 18.66 -1.83 17.04
N GLY C 69 19.65 -2.65 17.39
CA GLY C 69 20.26 -3.53 16.41
C GLY C 69 19.30 -4.66 16.07
N GLU C 70 18.64 -5.19 17.09
CA GLU C 70 17.67 -6.26 16.87
C GLU C 70 16.44 -5.67 16.20
N LEU C 71 16.24 -4.38 16.42
CA LEU C 71 15.11 -3.67 15.83
C LEU C 71 15.41 -3.44 14.33
N ALA C 72 16.67 -3.18 13.99
CA ALA C 72 17.01 -2.97 12.59
C ALA C 72 16.82 -4.28 11.84
N GLU C 73 17.07 -5.39 12.52
CA GLU C 73 16.90 -6.71 11.91
C GLU C 73 15.42 -6.99 11.61
N ALA C 74 14.54 -6.56 12.51
CA ALA C 74 13.12 -6.76 12.31
C ALA C 74 12.70 -5.92 11.12
N ALA C 75 13.28 -4.72 11.03
CA ALA C 75 12.96 -3.83 9.94
C ALA C 75 13.43 -4.46 8.63
N ALA C 76 14.62 -5.05 8.65
CA ALA C 76 15.18 -5.69 7.48
C ALA C 76 14.28 -6.80 6.96
N VAL C 77 13.65 -7.53 7.86
CA VAL C 77 12.76 -8.60 7.44
C VAL C 77 11.59 -7.96 6.66
N ALA C 78 11.06 -6.86 7.18
CA ALA C 78 9.96 -6.16 6.51
C ALA C 78 10.37 -5.69 5.13
N ALA C 79 11.62 -5.23 5.00
CA ALA C 79 12.16 -4.76 3.74
C ALA C 79 12.22 -5.92 2.74
N LEU C 80 12.68 -7.06 3.22
CA LEU C 80 12.81 -8.27 2.40
C LEU C 80 11.46 -8.78 1.89
N ILE C 81 10.44 -8.77 2.75
CA ILE C 81 9.12 -9.22 2.35
C ILE C 81 8.56 -8.23 1.34
N ARG C 82 8.85 -6.94 1.55
CA ARG C 82 8.38 -5.89 0.65
C ARG C 82 8.91 -6.16 -0.76
N ALA C 83 10.20 -6.49 -0.85
CA ALA C 83 10.80 -6.76 -2.16
C ALA C 83 10.33 -8.11 -2.69
N GLY C 84 10.30 -9.11 -1.81
CA GLY C 84 9.89 -10.44 -2.19
C GLY C 84 8.50 -10.57 -2.78
N SER C 85 7.56 -9.76 -2.28
CA SER C 85 6.20 -9.78 -2.78
C SER C 85 6.08 -9.11 -4.15
N ALA C 86 6.96 -8.14 -4.42
CA ALA C 86 6.96 -7.45 -5.70
C ALA C 86 7.41 -8.45 -6.76
N ASN C 88 7.02 -11.64 -6.67
CA ASN C 88 5.92 -12.57 -6.89
C ASN C 88 4.99 -12.00 -7.96
N THR C 89 4.76 -10.70 -7.91
CA THR C 89 3.89 -10.02 -8.87
C THR C 89 4.58 -9.97 -10.23
N ALA C 90 5.90 -9.88 -10.19
CA ALA C 90 6.74 -9.80 -11.39
C ALA C 90 6.63 -10.96 -12.37
N SER C 91 6.24 -12.13 -11.89
CA SER C 91 6.12 -13.27 -12.77
C SER C 91 4.98 -13.12 -13.77
N ALA C 92 4.14 -12.11 -13.57
CA ALA C 92 3.01 -11.88 -14.47
C ALA C 92 3.44 -11.26 -15.80
N ILE C 93 4.73 -10.93 -15.92
CA ILE C 93 5.25 -10.35 -17.16
C ILE C 93 5.28 -11.43 -18.25
N PHE C 94 5.33 -12.69 -17.82
CA PHE C 94 5.36 -13.83 -18.74
C PHE C 94 3.96 -14.21 -19.17
N ARG C 95 3.82 -14.68 -20.41
CA ARG C 95 2.51 -15.04 -20.94
C ARG C 95 1.94 -16.32 -20.34
N LYS D 2 22.27 10.19 4.19
CA LYS D 2 21.09 9.67 4.94
C LYS D 2 21.49 9.33 6.38
N THR D 3 21.41 10.30 7.27
CA THR D 3 21.79 10.07 8.67
C THR D 3 20.91 8.99 9.30
N GLY D 4 19.70 8.81 8.77
CA GLY D 4 18.80 7.82 9.31
C GLY D 4 18.97 6.45 8.67
N ALA D 5 19.33 6.43 7.39
CA ALA D 5 19.51 5.17 6.66
C ALA D 5 20.92 4.61 6.79
N ASP D 6 21.88 5.49 7.05
CA ASP D 6 23.26 5.05 7.21
C ASP D 6 23.49 4.66 8.66
N ARG D 7 22.57 5.08 9.52
CA ARG D 7 22.63 4.75 10.94
C ARG D 7 22.20 3.28 11.04
N PHE D 8 21.59 2.82 9.95
CA PHE D 8 21.13 1.44 9.83
C PHE D 8 22.33 0.62 9.39
N LEU D 9 23.19 1.25 8.60
CA LEU D 9 24.41 0.62 8.12
C LEU D 9 25.29 0.39 9.34
N GLU D 10 25.18 1.28 10.32
CA GLU D 10 25.94 1.20 11.56
C GLU D 10 25.46 0.05 12.45
N GLU D 11 24.17 -0.26 12.38
CA GLU D 11 23.57 -1.30 13.20
C GLU D 11 23.66 -2.71 12.62
N LEU D 12 23.53 -2.83 11.31
CA LEU D 12 23.60 -4.13 10.64
C LEU D 12 24.47 -4.03 9.40
N PRO D 13 25.79 -4.11 9.57
CA PRO D 13 26.72 -4.02 8.44
C PRO D 13 26.61 -5.19 7.47
N GLU D 14 26.32 -6.38 8.00
CA GLU D 14 26.22 -7.55 7.14
C GLU D 14 25.04 -7.47 6.17
N VAL D 15 23.86 -7.11 6.66
CA VAL D 15 22.68 -7.03 5.78
C VAL D 15 22.59 -5.76 4.95
N ALA D 16 22.90 -4.62 5.55
CA ALA D 16 22.84 -3.34 4.85
C ALA D 16 23.79 -3.35 3.66
N GLU D 17 24.93 -4.00 3.83
CA GLU D 17 25.92 -4.10 2.78
C GLU D 17 25.39 -4.98 1.66
N SER D 18 24.87 -6.16 2.01
CA SER D 18 24.32 -7.07 1.00
C SER D 18 23.20 -6.36 0.25
N PHE D 19 22.51 -5.45 0.93
CA PHE D 19 21.42 -4.71 0.31
C PHE D 19 21.98 -3.68 -0.64
N LYS D 20 23.06 -3.00 -0.24
CA LYS D 20 23.67 -2.00 -1.10
C LYS D 20 24.17 -2.67 -2.36
N ASN D 21 24.57 -3.94 -2.24
CA ASN D 21 25.05 -4.69 -3.39
C ASN D 21 23.87 -5.06 -4.29
N PHE D 22 22.74 -5.39 -3.68
CA PHE D 22 21.54 -5.71 -4.43
C PHE D 22 21.12 -4.46 -5.18
N ARG D 23 21.15 -3.34 -4.47
CA ARG D 23 20.75 -2.07 -5.08
C ARG D 23 21.63 -1.79 -6.27
N GLU D 24 22.94 -1.99 -6.10
CA GLU D 24 23.89 -1.73 -7.18
C GLU D 24 23.75 -2.67 -8.38
N ALA D 25 23.45 -3.93 -8.12
CA ALA D 25 23.29 -4.90 -9.19
C ALA D 25 22.13 -4.45 -10.07
N VAL D 26 20.99 -4.19 -9.45
CA VAL D 26 19.81 -3.77 -10.20
C VAL D 26 19.99 -2.38 -10.77
N ARG D 27 20.86 -1.59 -10.14
CA ARG D 27 21.12 -0.22 -10.59
C ARG D 27 22.06 -0.17 -11.79
N SER D 28 22.92 -1.18 -11.93
CA SER D 28 23.86 -1.19 -13.04
C SER D 28 23.57 -2.25 -14.12
N GLU D 29 22.40 -2.86 -14.10
CA GLU D 29 22.05 -3.87 -15.09
C GLU D 29 22.19 -3.26 -16.49
N GLY D 30 22.57 -4.10 -17.46
CA GLY D 30 22.74 -3.63 -18.82
C GLY D 30 21.52 -3.67 -19.71
N LYS D 31 20.48 -4.38 -19.27
CA LYS D 31 19.25 -4.49 -20.04
C LYS D 31 18.64 -3.13 -20.37
N LEU D 32 18.63 -2.23 -19.38
CA LEU D 32 18.07 -0.90 -19.59
C LEU D 32 19.14 0.19 -19.48
N THR D 33 18.90 1.31 -20.15
CA THR D 33 19.79 2.45 -20.12
C THR D 33 19.61 3.17 -18.79
N GLU D 34 20.64 3.92 -18.38
CA GLU D 34 20.60 4.68 -17.15
C GLU D 34 19.39 5.63 -17.13
N ARG D 35 19.05 6.16 -18.29
CA ARG D 35 17.92 7.07 -18.38
C ARG D 35 16.63 6.36 -17.98
N GLU D 36 16.41 5.18 -18.55
CA GLU D 36 15.20 4.43 -18.28
C GLU D 36 15.09 4.01 -16.81
N LYS D 37 16.19 3.52 -16.24
CA LYS D 37 16.19 3.12 -14.85
C LYS D 37 15.94 4.30 -13.89
N LEU D 38 16.39 5.49 -14.28
CA LEU D 38 16.18 6.68 -13.45
C LEU D 38 14.71 7.09 -13.47
N LEU D 39 14.12 7.15 -14.67
CA LEU D 39 12.71 7.49 -14.78
C LEU D 39 11.87 6.44 -14.04
N ILE D 40 12.21 5.17 -14.22
CA ILE D 40 11.48 4.11 -13.55
C ILE D 40 11.56 4.24 -12.03
N SER D 41 12.74 4.59 -11.52
CA SER D 41 12.94 4.75 -10.07
C SER D 41 12.07 5.86 -9.51
N VAL D 42 11.92 6.92 -10.26
CA VAL D 42 11.12 8.03 -9.80
C VAL D 42 9.65 7.65 -9.80
N ALA D 43 9.18 7.18 -10.96
CA ALA D 43 7.78 6.78 -11.11
C ALA D 43 7.35 5.74 -10.07
N CYS D 44 8.23 4.78 -9.77
CA CYS D 44 7.93 3.76 -8.77
C CYS D 44 7.89 4.33 -7.35
N SER D 45 8.76 5.30 -7.09
CA SER D 45 8.80 5.96 -5.78
C SER D 45 7.46 6.63 -5.54
N VAL D 46 6.91 7.20 -6.61
CA VAL D 46 5.65 7.90 -6.56
C VAL D 46 4.48 6.93 -6.39
N ALA D 47 4.51 5.82 -7.14
CA ALA D 47 3.46 4.81 -7.09
C ALA D 47 3.36 4.19 -5.71
N VAL D 48 4.50 4.02 -5.07
CA VAL D 48 4.59 3.45 -3.73
C VAL D 48 4.40 4.54 -2.67
N ARG D 49 4.26 5.77 -3.12
CA ARG D 49 4.05 6.93 -2.23
C ARG D 49 5.10 7.12 -1.13
N CYS D 50 6.38 7.11 -1.52
CA CYS D 50 7.45 7.32 -0.56
C CYS D 50 8.09 8.66 -0.92
N ASP D 51 7.79 9.68 -0.13
CA ASP D 51 8.30 11.04 -0.33
C ASP D 51 9.82 11.20 -0.38
N ALA D 52 10.53 10.58 0.56
CA ALA D 52 11.99 10.70 0.57
C ALA D 52 12.59 10.01 -0.64
N CYS D 53 12.06 8.84 -0.98
CA CYS D 53 12.56 8.09 -2.13
C CYS D 53 12.39 8.89 -3.41
N THR D 54 11.26 9.59 -3.50
CA THR D 54 10.95 10.38 -4.68
C THR D 54 11.95 11.51 -4.83
N ARG D 55 12.12 12.30 -3.78
CA ARG D 55 13.04 13.43 -3.80
C ARG D 55 14.45 12.97 -4.15
N ARG D 56 14.86 11.88 -3.53
CA ARG D 56 16.19 11.29 -3.74
C ARG D 56 16.41 10.83 -5.18
N HIS D 57 15.50 10.03 -5.73
CA HIS D 57 15.67 9.58 -7.11
C HIS D 57 15.46 10.71 -8.11
N ALA D 58 14.67 11.71 -7.73
CA ALA D 58 14.45 12.85 -8.62
C ALA D 58 15.77 13.61 -8.79
N GLU D 59 16.50 13.78 -7.69
CA GLU D 59 17.76 14.48 -7.74
C GLU D 59 18.79 13.79 -8.63
N GLU D 60 18.95 12.48 -8.44
CA GLU D 60 19.90 11.73 -9.25
C GLU D 60 19.47 11.79 -10.70
N ALA D 61 18.17 11.89 -10.94
CA ALA D 61 17.66 11.97 -12.31
C ALA D 61 17.95 13.35 -12.89
N LEU D 62 17.86 14.37 -12.05
CA LEU D 62 18.15 15.75 -12.46
C LEU D 62 19.65 15.90 -12.68
N GLU D 63 20.43 15.34 -11.76
CA GLU D 63 21.87 15.42 -11.85
C GLU D 63 22.39 14.58 -13.02
N ALA D 64 21.46 13.85 -13.64
CA ALA D 64 21.78 13.00 -14.78
C ALA D 64 21.29 13.67 -16.06
N GLY D 65 20.71 14.85 -15.92
CA GLY D 65 20.25 15.58 -17.09
C GLY D 65 18.82 15.38 -17.51
N ILE D 66 18.01 14.75 -16.66
CA ILE D 66 16.60 14.55 -16.99
C ILE D 66 15.81 15.75 -16.47
N THR D 67 14.94 16.29 -17.30
CA THR D 67 14.13 17.45 -16.93
C THR D 67 12.96 17.11 -16.00
N GLU D 68 12.44 18.12 -15.32
CA GLU D 68 11.32 17.92 -14.40
C GLU D 68 10.08 17.59 -15.23
N GLY D 69 10.11 17.95 -16.51
CA GLY D 69 8.97 17.68 -17.37
C GLY D 69 8.84 16.20 -17.68
N GLU D 70 9.96 15.55 -17.97
CA GLU D 70 9.93 14.14 -18.27
C GLU D 70 9.64 13.37 -17.00
N LEU D 71 10.10 13.92 -15.88
CA LEU D 71 9.89 13.32 -14.58
C LEU D 71 8.42 13.38 -14.19
N ALA D 72 7.76 14.51 -14.48
CA ALA D 72 6.35 14.68 -14.14
C ALA D 72 5.50 13.69 -14.92
N GLU D 73 5.96 13.31 -16.12
CA GLU D 73 5.26 12.36 -16.96
C GLU D 73 5.42 10.97 -16.38
N ALA D 74 6.59 10.71 -15.80
CA ALA D 74 6.87 9.42 -15.19
C ALA D 74 5.90 9.24 -14.03
N ALA D 75 5.71 10.30 -13.25
CA ALA D 75 4.79 10.25 -12.11
C ALA D 75 3.37 10.06 -12.61
N ALA D 76 3.01 10.82 -13.64
CA ALA D 76 1.69 10.75 -14.24
C ALA D 76 1.29 9.32 -14.58
N VAL D 77 2.27 8.53 -15.02
CA VAL D 77 2.00 7.14 -15.37
C VAL D 77 1.79 6.34 -14.07
N ALA D 78 2.50 6.72 -13.01
CA ALA D 78 2.34 6.05 -11.73
C ALA D 78 0.92 6.28 -11.26
N ALA D 79 0.43 7.50 -11.45
CA ALA D 79 -0.91 7.89 -11.05
C ALA D 79 -1.96 7.10 -11.82
N LEU D 80 -1.72 6.94 -13.12
CA LEU D 80 -2.62 6.20 -14.00
C LEU D 80 -2.72 4.74 -13.58
N ILE D 81 -1.57 4.13 -13.29
CA ILE D 81 -1.53 2.75 -12.86
C ILE D 81 -2.18 2.59 -11.48
N ARG D 82 -2.06 3.65 -10.69
CA ARG D 82 -2.62 3.68 -9.35
C ARG D 82 -4.15 3.54 -9.45
N ALA D 83 -4.74 4.34 -10.35
CA ALA D 83 -6.17 4.34 -10.56
C ALA D 83 -6.63 3.09 -11.33
N GLY D 84 -5.85 2.69 -12.32
CA GLY D 84 -6.20 1.51 -13.09
C GLY D 84 -6.25 0.25 -12.25
N SER D 85 -5.31 0.10 -11.33
CA SER D 85 -5.27 -1.09 -10.47
C SER D 85 -6.51 -1.16 -9.60
N ALA D 86 -6.99 -0.02 -9.13
CA ALA D 86 -8.18 0.02 -8.30
C ALA D 86 -9.37 -0.53 -9.09
N ASN D 88 -9.42 -2.48 -11.41
CA ASN D 88 -9.31 -3.90 -11.67
C ASN D 88 -9.94 -4.62 -10.46
N THR D 89 -9.67 -4.11 -9.26
CA THR D 89 -10.25 -4.71 -8.06
C THR D 89 -11.76 -4.50 -8.07
N ALA D 90 -12.18 -3.39 -8.66
CA ALA D 90 -13.59 -3.02 -8.75
C ALA D 90 -14.47 -4.02 -9.54
N SER D 91 -13.86 -4.77 -10.46
CA SER D 91 -14.65 -5.71 -11.24
C SER D 91 -15.24 -6.79 -10.35
N ALA D 92 -14.71 -6.92 -9.13
CA ALA D 92 -15.18 -7.91 -8.17
C ALA D 92 -16.60 -7.55 -7.70
N ILE D 93 -17.01 -6.33 -8.02
CA ILE D 93 -18.33 -5.84 -7.67
C ILE D 93 -19.37 -6.54 -8.53
N PHE D 94 -19.12 -6.61 -9.83
CA PHE D 94 -20.05 -7.22 -10.77
C PHE D 94 -20.06 -8.74 -10.82
N ARG D 95 -21.21 -9.30 -10.46
CA ARG D 95 -21.41 -10.74 -10.47
C ARG D 95 -22.48 -11.10 -11.50
N LEU E 9 -11.27 -16.84 12.76
CA LEU E 9 -10.24 -16.51 13.80
C LEU E 9 -10.47 -17.42 15.01
N GLU E 10 -11.15 -18.53 14.77
CA GLU E 10 -11.48 -19.51 15.81
C GLU E 10 -10.32 -19.85 16.75
N GLU E 11 -9.09 -19.80 16.23
CA GLU E 11 -7.88 -20.13 16.98
C GLU E 11 -7.61 -19.32 18.26
N LEU E 12 -7.81 -18.01 18.23
CA LEU E 12 -7.58 -17.17 19.41
C LEU E 12 -8.90 -16.76 20.04
N PRO E 13 -9.20 -17.27 21.24
CA PRO E 13 -10.45 -16.97 21.95
C PRO E 13 -10.82 -15.51 22.15
N GLU E 14 -10.12 -14.81 23.06
CA GLU E 14 -10.45 -13.42 23.33
C GLU E 14 -10.22 -12.47 22.16
N VAL E 15 -9.18 -12.73 21.37
CA VAL E 15 -8.88 -11.87 20.21
C VAL E 15 -10.03 -11.88 19.23
N ALA E 16 -10.48 -13.08 18.85
CA ALA E 16 -11.58 -13.22 17.90
C ALA E 16 -12.84 -12.56 18.45
N GLU E 17 -13.15 -12.85 19.71
CA GLU E 17 -14.30 -12.27 20.37
C GLU E 17 -14.23 -10.76 20.30
N SER E 18 -13.10 -10.23 20.78
CA SER E 18 -12.85 -8.80 20.84
C SER E 18 -12.86 -8.13 19.47
N PHE E 19 -12.39 -8.84 18.46
CA PHE E 19 -12.40 -8.28 17.11
C PHE E 19 -13.84 -8.22 16.62
N LYS E 20 -14.57 -9.32 16.82
CA LYS E 20 -15.96 -9.38 16.41
C LYS E 20 -16.75 -8.19 16.96
N ASN E 21 -16.52 -7.84 18.22
CA ASN E 21 -17.20 -6.72 18.86
C ASN E 21 -16.79 -5.39 18.26
N PHE E 22 -15.52 -5.25 17.91
CA PHE E 22 -15.06 -4.02 17.29
C PHE E 22 -15.79 -3.88 15.96
N ARG E 23 -15.87 -4.99 15.21
CA ARG E 23 -16.55 -4.98 13.93
C ARG E 23 -18.00 -4.58 14.07
N GLU E 24 -18.70 -5.20 15.03
CA GLU E 24 -20.10 -4.90 15.24
C GLU E 24 -20.30 -3.43 15.62
N ALA E 25 -19.42 -2.89 16.45
CA ALA E 25 -19.54 -1.50 16.86
C ALA E 25 -19.45 -0.57 15.64
N VAL E 26 -18.46 -0.79 14.79
CA VAL E 26 -18.29 0.01 13.60
C VAL E 26 -19.52 -0.15 12.70
N ARG E 27 -19.93 -1.40 12.51
CA ARG E 27 -21.08 -1.70 11.66
C ARG E 27 -22.40 -1.13 12.19
N SER E 28 -22.49 -0.91 13.49
CA SER E 28 -23.74 -0.42 14.06
C SER E 28 -23.76 1.07 14.45
N GLU E 29 -22.60 1.72 14.35
CA GLU E 29 -22.49 3.14 14.69
C GLU E 29 -23.64 3.93 14.05
N GLY E 30 -24.38 4.65 14.87
CA GLY E 30 -25.52 5.39 14.37
C GLY E 30 -25.32 6.72 13.64
N LYS E 31 -24.09 7.21 13.52
CA LYS E 31 -23.87 8.48 12.85
C LYS E 31 -24.04 8.42 11.34
N LEU E 32 -23.88 7.23 10.77
CA LEU E 32 -24.05 7.06 9.33
C LEU E 32 -25.11 5.99 9.11
N THR E 33 -25.88 6.12 8.03
CA THR E 33 -26.91 5.16 7.69
C THR E 33 -26.31 3.85 7.18
N GLU E 34 -27.14 2.83 7.08
CA GLU E 34 -26.67 1.53 6.58
C GLU E 34 -26.16 1.73 5.14
N ARG E 35 -26.96 2.38 4.30
CA ARG E 35 -26.60 2.64 2.92
C ARG E 35 -25.20 3.28 2.81
N GLU E 36 -24.97 4.36 3.56
CA GLU E 36 -23.68 5.04 3.53
C GLU E 36 -22.52 4.11 3.95
N LYS E 37 -22.75 3.25 4.93
CA LYS E 37 -21.71 2.34 5.38
C LYS E 37 -21.45 1.24 4.34
N LEU E 38 -22.50 0.84 3.63
CA LEU E 38 -22.33 -0.16 2.59
C LEU E 38 -21.47 0.44 1.47
N LEU E 39 -21.74 1.67 1.07
CA LEU E 39 -20.95 2.29 0.00
C LEU E 39 -19.50 2.47 0.45
N ILE E 40 -19.31 2.94 1.67
CA ILE E 40 -17.96 3.13 2.16
C ILE E 40 -17.17 1.81 2.18
N SER E 41 -17.74 0.78 2.79
CA SER E 41 -17.07 -0.53 2.87
C SER E 41 -16.61 -1.03 1.51
N VAL E 42 -17.45 -0.82 0.49
CA VAL E 42 -17.08 -1.26 -0.83
C VAL E 42 -15.98 -0.39 -1.41
N ALA E 43 -16.13 0.93 -1.30
CA ALA E 43 -15.12 1.85 -1.83
C ALA E 43 -13.79 1.64 -1.15
N CYS E 44 -13.80 1.43 0.17
CA CYS E 44 -12.57 1.20 0.91
C CYS E 44 -11.95 -0.13 0.48
N SER E 45 -12.79 -1.14 0.27
CA SER E 45 -12.30 -2.46 -0.17
C SER E 45 -11.60 -2.32 -1.52
N VAL E 46 -12.13 -1.46 -2.37
CA VAL E 46 -11.54 -1.21 -3.67
C VAL E 46 -10.24 -0.43 -3.48
N ALA E 47 -10.28 0.58 -2.62
CA ALA E 47 -9.08 1.40 -2.38
C ALA E 47 -7.84 0.63 -1.88
N VAL E 48 -8.04 -0.41 -1.06
CA VAL E 48 -6.90 -1.17 -0.56
C VAL E 48 -6.67 -2.44 -1.39
N ARG E 49 -7.32 -2.48 -2.54
CA ARG E 49 -7.21 -3.59 -3.48
C ARG E 49 -7.38 -5.01 -2.91
N CYS E 50 -8.35 -5.21 -2.02
CA CYS E 50 -8.63 -6.56 -1.51
C CYS E 50 -9.85 -7.03 -2.31
N ASP E 51 -9.64 -8.02 -3.17
CA ASP E 51 -10.72 -8.52 -4.00
C ASP E 51 -11.77 -9.30 -3.23
N ALA E 52 -11.33 -10.12 -2.28
CA ALA E 52 -12.26 -10.90 -1.48
C ALA E 52 -13.17 -9.97 -0.71
N CYS E 53 -12.59 -8.97 -0.06
CA CYS E 53 -13.37 -8.01 0.71
C CYS E 53 -14.34 -7.26 -0.21
N THR E 54 -13.86 -6.85 -1.39
CA THR E 54 -14.71 -6.14 -2.34
C THR E 54 -15.93 -6.98 -2.72
N ARG E 55 -15.69 -8.24 -3.05
CA ARG E 55 -16.76 -9.16 -3.43
C ARG E 55 -17.81 -9.26 -2.32
N ARG E 56 -17.37 -9.64 -1.13
CA ARG E 56 -18.26 -9.79 0.03
C ARG E 56 -19.04 -8.53 0.38
N HIS E 57 -18.37 -7.39 0.40
CA HIS E 57 -19.06 -6.16 0.75
C HIS E 57 -19.97 -5.69 -0.37
N ALA E 58 -19.65 -6.04 -1.60
CA ALA E 58 -20.50 -5.65 -2.73
C ALA E 58 -21.74 -6.55 -2.75
N GLU E 59 -21.57 -7.79 -2.29
CA GLU E 59 -22.65 -8.74 -2.25
C GLU E 59 -23.68 -8.21 -1.26
N GLU E 60 -23.22 -7.89 -0.06
CA GLU E 60 -24.08 -7.36 0.99
C GLU E 60 -24.80 -6.09 0.51
N ALA E 61 -24.07 -5.19 -0.14
CA ALA E 61 -24.68 -3.95 -0.64
C ALA E 61 -25.80 -4.19 -1.67
N LEU E 62 -25.60 -5.17 -2.56
CA LEU E 62 -26.60 -5.47 -3.58
C LEU E 62 -27.84 -6.09 -2.94
N GLU E 63 -27.64 -6.91 -1.92
CA GLU E 63 -28.76 -7.54 -1.23
C GLU E 63 -29.52 -6.50 -0.40
N ALA E 64 -28.91 -5.34 -0.20
CA ALA E 64 -29.54 -4.29 0.58
C ALA E 64 -30.30 -3.30 -0.32
N GLY E 65 -30.22 -3.49 -1.63
CA GLY E 65 -30.93 -2.61 -2.55
C GLY E 65 -30.08 -1.63 -3.33
N ILE E 66 -28.80 -1.53 -3.00
CA ILE E 66 -27.90 -0.62 -3.70
C ILE E 66 -27.54 -1.24 -5.07
N THR E 67 -27.62 -0.44 -6.13
CA THR E 67 -27.31 -0.93 -7.48
C THR E 67 -25.82 -0.95 -7.80
N GLU E 68 -25.48 -1.65 -8.88
CA GLU E 68 -24.09 -1.75 -9.29
C GLU E 68 -23.54 -0.40 -9.72
N GLY E 69 -24.39 0.43 -10.32
CA GLY E 69 -23.94 1.73 -10.75
C GLY E 69 -23.55 2.59 -9.55
N GLU E 70 -24.33 2.49 -8.49
CA GLU E 70 -24.02 3.26 -7.28
C GLU E 70 -22.69 2.73 -6.76
N LEU E 71 -22.56 1.41 -6.74
CA LEU E 71 -21.35 0.75 -6.29
C LEU E 71 -20.15 1.11 -7.16
N ALA E 72 -20.37 1.27 -8.46
CA ALA E 72 -19.30 1.61 -9.40
C ALA E 72 -18.82 3.03 -9.15
N GLU E 73 -19.74 3.94 -8.88
CA GLU E 73 -19.38 5.32 -8.60
C GLU E 73 -18.58 5.39 -7.30
N ALA E 74 -18.99 4.61 -6.30
CA ALA E 74 -18.25 4.59 -5.05
C ALA E 74 -16.82 4.16 -5.38
N ALA E 75 -16.69 3.13 -6.22
CA ALA E 75 -15.39 2.62 -6.65
C ALA E 75 -14.60 3.66 -7.46
N ALA E 76 -15.31 4.52 -8.19
CA ALA E 76 -14.65 5.56 -8.97
C ALA E 76 -14.05 6.60 -8.04
N VAL E 77 -14.63 6.79 -6.86
CA VAL E 77 -14.08 7.76 -5.94
C VAL E 77 -12.76 7.18 -5.45
N ALA E 78 -12.80 5.92 -5.05
CA ALA E 78 -11.61 5.21 -4.58
C ALA E 78 -10.43 5.31 -5.56
N ALA E 79 -10.70 5.13 -6.85
CA ALA E 79 -9.65 5.20 -7.89
C ALA E 79 -9.12 6.61 -8.02
N LEU E 80 -10.00 7.58 -7.85
CA LEU E 80 -9.65 8.98 -7.94
C LEU E 80 -8.72 9.34 -6.81
N ILE E 81 -9.00 8.80 -5.62
CA ILE E 81 -8.17 9.07 -4.47
C ILE E 81 -6.82 8.40 -4.59
N ARG E 82 -6.78 7.21 -5.19
CA ARG E 82 -5.52 6.50 -5.37
C ARG E 82 -4.61 7.30 -6.31
N ALA E 83 -5.19 7.78 -7.42
CA ALA E 83 -4.45 8.58 -8.37
C ALA E 83 -4.05 9.89 -7.70
N GLY E 84 -5.00 10.48 -6.98
CA GLY E 84 -4.75 11.74 -6.30
C GLY E 84 -3.65 11.73 -5.26
N SER E 85 -3.55 10.65 -4.50
CA SER E 85 -2.52 10.55 -3.46
C SER E 85 -1.10 10.45 -4.05
N ALA E 86 -0.98 9.80 -5.21
CA ALA E 86 0.32 9.65 -5.86
C ALA E 86 0.81 11.02 -6.36
N ASN E 88 0.15 13.81 -4.98
CA ASN E 88 0.53 14.60 -3.82
C ASN E 88 2.00 14.28 -3.53
N THR E 89 2.39 13.03 -3.77
CA THR E 89 3.75 12.58 -3.55
C THR E 89 4.68 13.05 -4.68
N ALA E 90 4.11 13.22 -5.87
CA ALA E 90 4.87 13.66 -7.03
C ALA E 90 5.39 15.08 -6.90
N SER E 91 4.86 15.83 -5.93
CA SER E 91 5.32 17.21 -5.73
C SER E 91 6.77 17.21 -5.27
N ALA E 92 7.23 16.11 -4.68
CA ALA E 92 8.61 16.02 -4.21
C ALA E 92 9.60 16.10 -5.38
N ILE E 93 9.15 15.72 -6.57
CA ILE E 93 9.99 15.76 -7.76
C ILE E 93 10.50 17.19 -7.95
N PHE E 94 9.60 18.14 -7.76
CA PHE E 94 9.91 19.55 -7.93
C PHE E 94 10.58 20.10 -6.69
N ARG E 95 11.60 19.37 -6.22
CA ARG E 95 12.39 19.71 -5.04
C ARG E 95 11.56 19.84 -3.79
N GLY F 4 -10.63 -7.19 -17.70
CA GLY F 4 -11.20 -7.26 -16.31
C GLY F 4 -11.22 -5.92 -15.62
N ALA F 5 -11.78 -4.91 -16.29
CA ALA F 5 -11.87 -3.57 -15.75
C ALA F 5 -12.71 -2.70 -16.68
N ASP F 6 -13.24 -3.32 -17.73
CA ASP F 6 -14.06 -2.61 -18.71
C ASP F 6 -15.51 -2.60 -18.26
N ARG F 7 -15.89 -3.64 -17.52
CA ARG F 7 -17.25 -3.77 -17.00
C ARG F 7 -17.52 -2.59 -16.08
N PHE F 8 -16.51 -2.22 -15.31
CA PHE F 8 -16.60 -1.10 -14.37
C PHE F 8 -16.98 0.19 -15.09
N LEU F 9 -16.18 0.55 -16.10
CA LEU F 9 -16.39 1.75 -16.90
C LEU F 9 -17.82 1.80 -17.47
N GLU F 10 -18.32 0.63 -17.87
CA GLU F 10 -19.67 0.50 -18.44
C GLU F 10 -20.76 1.26 -17.67
N GLU F 11 -20.88 0.98 -16.38
CA GLU F 11 -21.90 1.61 -15.54
C GLU F 11 -21.92 3.14 -15.58
N LEU F 12 -20.74 3.76 -15.54
CA LEU F 12 -20.67 5.21 -15.57
C LEU F 12 -20.12 5.66 -16.92
N PRO F 13 -21.00 5.89 -17.90
CA PRO F 13 -20.52 6.32 -19.22
C PRO F 13 -19.64 7.56 -19.20
N GLU F 14 -20.10 8.63 -18.57
CA GLU F 14 -19.34 9.88 -18.49
C GLU F 14 -17.97 9.71 -17.82
N VAL F 15 -17.94 9.08 -16.65
CA VAL F 15 -16.70 8.85 -15.92
C VAL F 15 -15.77 8.01 -16.76
N ALA F 16 -16.34 7.02 -17.46
CA ALA F 16 -15.58 6.12 -18.33
C ALA F 16 -14.83 6.86 -19.44
N GLU F 17 -15.55 7.67 -20.22
CA GLU F 17 -14.93 8.40 -21.31
C GLU F 17 -13.96 9.42 -20.74
N SER F 18 -14.27 9.87 -19.52
CA SER F 18 -13.45 10.84 -18.81
C SER F 18 -12.13 10.20 -18.39
N PHE F 19 -12.19 8.92 -18.05
CA PHE F 19 -10.98 8.22 -17.64
C PHE F 19 -10.14 7.88 -18.86
N LYS F 20 -10.81 7.56 -19.96
CA LYS F 20 -10.13 7.22 -21.21
C LYS F 20 -9.35 8.42 -21.72
N ASN F 21 -9.90 9.62 -21.54
CA ASN F 21 -9.23 10.84 -22.00
C ASN F 21 -7.94 11.00 -21.20
N PHE F 22 -8.05 10.84 -19.88
CA PHE F 22 -6.87 10.95 -19.03
C PHE F 22 -5.87 9.88 -19.43
N ARG F 23 -6.35 8.67 -19.64
CA ARG F 23 -5.46 7.58 -20.04
C ARG F 23 -4.73 7.92 -21.34
N GLU F 24 -5.45 8.50 -22.30
CA GLU F 24 -4.85 8.86 -23.58
C GLU F 24 -3.87 10.02 -23.41
N ALA F 25 -4.23 11.01 -22.57
CA ALA F 25 -3.35 12.15 -22.36
C ALA F 25 -1.98 11.72 -21.81
N VAL F 26 -1.95 10.72 -20.92
CA VAL F 26 -0.66 10.30 -20.39
C VAL F 26 0.02 9.35 -21.36
N ARG F 27 -0.75 8.51 -22.05
CA ARG F 27 -0.19 7.57 -23.03
C ARG F 27 0.40 8.31 -24.22
N SER F 28 -0.19 9.44 -24.56
CA SER F 28 0.28 10.24 -25.69
C SER F 28 0.87 11.56 -25.21
N GLU F 29 1.95 11.44 -24.43
CA GLU F 29 2.67 12.59 -23.89
C GLU F 29 4.03 12.56 -24.56
N GLY F 30 4.38 13.68 -25.20
CA GLY F 30 5.64 13.76 -25.93
C GLY F 30 6.95 13.80 -25.16
N LYS F 31 6.90 14.15 -23.87
CA LYS F 31 8.12 14.23 -23.10
C LYS F 31 8.92 12.93 -22.96
N LEU F 32 8.25 11.80 -23.12
CA LEU F 32 8.92 10.50 -23.03
C LEU F 32 8.58 9.59 -24.22
N THR F 33 9.53 8.75 -24.62
CA THR F 33 9.31 7.82 -25.73
C THR F 33 8.33 6.72 -25.34
N GLU F 34 7.71 6.12 -26.34
CA GLU F 34 6.75 5.04 -26.12
C GLU F 34 7.42 3.92 -25.34
N ARG F 35 8.62 3.56 -25.75
CA ARG F 35 9.36 2.49 -25.07
C ARG F 35 9.51 2.84 -23.59
N GLU F 36 9.83 4.10 -23.31
CA GLU F 36 9.98 4.54 -21.94
C GLU F 36 8.66 4.46 -21.18
N LYS F 37 7.57 4.86 -21.84
CA LYS F 37 6.25 4.81 -21.21
C LYS F 37 5.78 3.39 -20.93
N LEU F 38 6.15 2.46 -21.81
CA LEU F 38 5.75 1.08 -21.62
C LEU F 38 6.56 0.45 -20.48
N LEU F 39 7.82 0.81 -20.35
CA LEU F 39 8.64 0.25 -19.27
C LEU F 39 8.13 0.71 -17.92
N ILE F 40 7.75 1.99 -17.84
CA ILE F 40 7.26 2.54 -16.59
C ILE F 40 5.90 1.96 -16.21
N SER F 41 5.08 1.59 -17.19
CA SER F 41 3.78 1.03 -16.87
C SER F 41 3.95 -0.33 -16.23
N VAL F 42 4.86 -1.12 -16.75
CA VAL F 42 5.10 -2.44 -16.20
C VAL F 42 5.68 -2.35 -14.79
N ALA F 43 6.71 -1.53 -14.60
CA ALA F 43 7.34 -1.37 -13.30
C ALA F 43 6.37 -0.88 -12.22
N CYS F 44 5.57 0.14 -12.54
CA CYS F 44 4.60 0.65 -11.56
C CYS F 44 3.54 -0.42 -11.23
N SER F 45 3.15 -1.20 -12.25
CA SER F 45 2.18 -2.26 -12.05
C SER F 45 2.75 -3.25 -11.05
N VAL F 46 4.06 -3.47 -11.13
CA VAL F 46 4.70 -4.40 -10.20
C VAL F 46 4.81 -3.75 -8.82
N ALA F 47 5.24 -2.49 -8.78
CA ALA F 47 5.40 -1.78 -7.52
C ALA F 47 4.11 -1.77 -6.70
N VAL F 48 2.99 -1.59 -7.38
CA VAL F 48 1.69 -1.54 -6.73
C VAL F 48 1.14 -2.95 -6.55
N ARG F 49 1.84 -3.91 -7.12
CA ARG F 49 1.45 -5.31 -7.02
C ARG F 49 0.11 -5.67 -7.65
N CYS F 50 -0.17 -5.14 -8.83
CA CYS F 50 -1.39 -5.48 -9.52
C CYS F 50 -1.02 -6.39 -10.71
N ASP F 51 -1.31 -7.69 -10.54
CA ASP F 51 -1.00 -8.71 -11.55
C ASP F 51 -1.64 -8.47 -12.90
N ALA F 52 -2.93 -8.26 -12.91
CA ALA F 52 -3.63 -8.02 -14.16
C ALA F 52 -2.93 -6.89 -14.87
N CYS F 53 -2.67 -5.81 -14.14
CA CYS F 53 -2.00 -4.65 -14.71
C CYS F 53 -0.65 -5.04 -15.29
N THR F 54 0.15 -5.76 -14.52
CA THR F 54 1.47 -6.19 -14.97
C THR F 54 1.31 -7.01 -16.26
N ARG F 55 0.42 -7.99 -16.23
CA ARG F 55 0.19 -8.84 -17.39
C ARG F 55 -0.18 -8.00 -18.62
N ARG F 56 -1.18 -7.14 -18.47
CA ARG F 56 -1.64 -6.29 -19.56
C ARG F 56 -0.56 -5.42 -20.15
N HIS F 57 0.06 -4.60 -19.31
CA HIS F 57 1.10 -3.69 -19.75
C HIS F 57 2.32 -4.40 -20.32
N ALA F 58 2.66 -5.55 -19.73
CA ALA F 58 3.78 -6.32 -20.23
C ALA F 58 3.47 -6.77 -21.65
N GLU F 59 2.29 -7.36 -21.84
CA GLU F 59 1.90 -7.84 -23.15
C GLU F 59 2.01 -6.74 -24.21
N GLU F 60 1.53 -5.54 -23.89
CA GLU F 60 1.62 -4.46 -24.87
C GLU F 60 3.09 -4.13 -25.12
N ALA F 61 3.90 -4.24 -24.07
CA ALA F 61 5.33 -3.95 -24.18
C ALA F 61 5.99 -4.98 -25.10
N LEU F 62 5.63 -6.25 -24.95
CA LEU F 62 6.20 -7.29 -25.80
C LEU F 62 5.86 -7.03 -27.27
N GLU F 63 4.61 -6.64 -27.52
CA GLU F 63 4.17 -6.36 -28.88
C GLU F 63 4.90 -5.18 -29.52
N ALA F 64 5.39 -4.27 -28.70
CA ALA F 64 6.10 -3.10 -29.20
C ALA F 64 7.60 -3.36 -29.38
N GLY F 65 8.05 -4.59 -29.11
CA GLY F 65 9.46 -4.90 -29.27
C GLY F 65 10.28 -5.11 -28.02
N ILE F 66 9.84 -4.55 -26.90
CA ILE F 66 10.59 -4.70 -25.65
C ILE F 66 10.61 -6.19 -25.28
N THR F 67 11.74 -6.67 -24.77
CA THR F 67 11.88 -8.09 -24.43
C THR F 67 11.54 -8.45 -22.98
N GLU F 68 11.52 -9.75 -22.70
CA GLU F 68 11.23 -10.25 -21.36
C GLU F 68 12.25 -9.67 -20.38
N GLY F 69 13.53 -9.89 -20.71
CA GLY F 69 14.63 -9.44 -19.89
C GLY F 69 14.60 -7.97 -19.52
N GLU F 70 14.16 -7.13 -20.44
CA GLU F 70 14.08 -5.70 -20.16
C GLU F 70 12.97 -5.44 -19.14
N LEU F 71 11.88 -6.20 -19.24
CA LEU F 71 10.76 -6.04 -18.31
C LEU F 71 11.15 -6.56 -16.93
N ALA F 72 11.86 -7.68 -16.90
CA ALA F 72 12.28 -8.26 -15.63
C ALA F 72 13.18 -7.28 -14.89
N GLU F 73 13.87 -6.43 -15.65
CA GLU F 73 14.74 -5.43 -15.08
C GLU F 73 13.89 -4.30 -14.53
N ALA F 74 12.83 -3.99 -15.25
CA ALA F 74 11.91 -2.94 -14.85
C ALA F 74 11.32 -3.33 -13.50
N ALA F 75 10.81 -4.55 -13.42
CA ALA F 75 10.21 -5.07 -12.20
C ALA F 75 11.24 -5.04 -11.07
N ALA F 76 12.49 -5.32 -11.40
CA ALA F 76 13.58 -5.32 -10.41
C ALA F 76 13.71 -3.97 -9.73
N VAL F 77 13.68 -2.89 -10.50
CA VAL F 77 13.75 -1.56 -9.93
C VAL F 77 12.57 -1.38 -8.97
N ALA F 78 11.43 -1.98 -9.33
CA ALA F 78 10.24 -1.89 -8.49
C ALA F 78 10.47 -2.62 -7.17
N ALA F 79 11.11 -3.78 -7.23
CA ALA F 79 11.38 -4.56 -6.03
C ALA F 79 12.31 -3.73 -5.12
N LEU F 80 13.33 -3.13 -5.72
CA LEU F 80 14.28 -2.30 -4.99
C LEU F 80 13.58 -1.15 -4.28
N ILE F 81 12.82 -0.35 -5.02
CA ILE F 81 12.11 0.77 -4.41
C ILE F 81 11.12 0.31 -3.33
N ARG F 82 10.45 -0.82 -3.52
CA ARG F 82 9.52 -1.29 -2.49
C ARG F 82 10.28 -1.59 -1.20
N ALA F 83 11.48 -2.13 -1.34
CA ALA F 83 12.31 -2.42 -0.17
C ALA F 83 12.92 -1.11 0.36
N GLY F 84 13.39 -0.27 -0.56
CA GLY F 84 14.00 0.99 -0.18
C GLY F 84 13.10 1.92 0.62
N SER F 85 11.81 1.94 0.26
CA SER F 85 10.86 2.80 0.96
C SER F 85 10.60 2.29 2.38
N ALA F 86 10.88 1.02 2.62
CA ALA F 86 10.71 0.44 3.95
C ALA F 86 11.92 0.87 4.79
N ASN F 88 13.52 3.50 4.56
CA ASN F 88 13.30 4.90 4.93
C ASN F 88 12.44 5.03 6.18
N THR F 89 11.43 4.17 6.31
CA THR F 89 10.53 4.22 7.46
C THR F 89 11.27 3.74 8.71
N ALA F 90 12.13 2.75 8.52
CA ALA F 90 12.90 2.20 9.62
C ALA F 90 13.74 3.26 10.35
N SER F 91 13.94 4.40 9.71
CA SER F 91 14.71 5.48 10.33
C SER F 91 13.98 6.06 11.52
N ALA F 92 12.70 5.71 11.65
CA ALA F 92 11.90 6.19 12.76
C ALA F 92 12.21 5.35 14.01
N ILE F 93 13.02 4.31 13.83
CA ILE F 93 13.38 3.44 14.94
C ILE F 93 14.49 4.06 15.80
N PHE F 94 15.46 4.68 15.13
CA PHE F 94 16.60 5.28 15.81
C PHE F 94 16.24 6.57 16.53
N ARG F 95 15.68 6.41 17.73
CA ARG F 95 15.26 7.49 18.59
C ARG F 95 15.89 7.31 19.97
#